data_3KHF
#
_entry.id   3KHF
#
_cell.length_a   48.650
_cell.length_b   55.537
_cell.length_c   59.387
_cell.angle_alpha   90.00
_cell.angle_beta   90.00
_cell.angle_gamma   90.00
#
_symmetry.space_group_name_H-M   'P 21 21 21'
#
loop_
_entity.id
_entity.type
_entity.pdbx_description
1 polymer 'Microtubule-associated serine/threonine-protein kinase 3'
2 non-polymer 1,2-ETHANEDIOL
3 non-polymer 'CHLORIDE ION'
4 water water
#
_entity_poly.entity_id   1
_entity_poly.type   'polypeptide(L)'
_entity_poly.pdbx_seq_one_letter_code
;SMRPPIVIHSSGKKYGFSLRAIRVYMGDSDVYTVHHVVWSVEDGSPAQEAGLRAGDLITHINGESVLGLVHMDVVELLLK
SGNKISLRTTALENTETSV
;
_entity_poly.pdbx_strand_id   A,B
#
loop_
_chem_comp.id
_chem_comp.type
_chem_comp.name
_chem_comp.formula
CL non-polymer 'CHLORIDE ION' 'Cl -1'
EDO non-polymer 1,2-ETHANEDIOL 'C2 H6 O2'
#
# COMPACT_ATOMS: atom_id res chain seq x y z
N ARG A 3 -17.45 11.17 -1.70
CA ARG A 3 -16.54 11.89 -0.77
C ARG A 3 -15.92 13.10 -1.50
N PRO A 4 -15.87 14.29 -0.87
CA PRO A 4 -15.26 15.44 -1.56
C PRO A 4 -13.75 15.28 -1.63
N PRO A 5 -13.13 15.97 -2.57
CA PRO A 5 -11.69 15.91 -2.66
C PRO A 5 -11.01 16.66 -1.54
N ILE A 6 -9.84 16.17 -1.15
CA ILE A 6 -8.99 16.89 -0.24
C ILE A 6 -8.29 18.00 -0.99
N VAL A 7 -8.42 19.24 -0.52
CA VAL A 7 -7.81 20.37 -1.19
C VAL A 7 -6.70 20.87 -0.28
N ILE A 8 -5.47 20.71 -0.75
CA ILE A 8 -4.26 21.10 -0.02
C ILE A 8 -3.79 22.46 -0.51
N HIS A 9 -3.32 23.29 0.43
CA HIS A 9 -2.76 24.63 0.15
CA HIS A 9 -2.69 24.54 0.03
C HIS A 9 -1.31 24.61 0.65
N SER A 10 -0.33 24.56 -0.22
CA SER A 10 1.08 24.55 0.23
C SER A 10 1.64 25.97 0.24
N GLY A 12 4.25 27.40 -0.85
CA GLY A 12 5.01 27.33 -2.11
C GLY A 12 6.01 26.20 -2.07
N LYS A 13 5.74 25.22 -1.23
CA LYS A 13 6.70 24.22 -0.88
C LYS A 13 6.18 22.84 -1.22
N LYS A 14 6.94 21.84 -0.77
CA LYS A 14 6.46 20.47 -0.83
C LYS A 14 5.10 20.33 -0.15
N TYR A 15 4.29 19.42 -0.66
CA TYR A 15 3.01 19.18 0.00
C TYR A 15 3.20 18.51 1.37
N GLY A 16 4.23 17.69 1.49
CA GLY A 16 4.52 17.04 2.75
C GLY A 16 4.00 15.63 2.91
N PHE A 17 4.02 14.84 1.84
CA PHE A 17 3.69 13.43 1.96
C PHE A 17 4.56 12.60 1.07
N SER A 18 4.60 11.30 1.34
CA SER A 18 5.26 10.40 0.43
C SER A 18 4.27 9.40 -0.14
N LEU A 19 4.59 8.87 -1.30
CA LEU A 19 3.73 7.87 -1.90
C LEU A 19 4.53 6.80 -2.59
N ARG A 20 3.91 5.62 -2.67
CA ARG A 20 4.46 4.51 -3.41
C ARG A 20 3.52 4.19 -4.55
N ALA A 21 4.09 3.70 -5.64
CA ALA A 21 3.34 3.09 -6.72
C ALA A 21 3.35 1.60 -6.51
N ILE A 22 2.22 1.01 -6.24
CA ILE A 22 2.12 -0.42 -5.98
C ILE A 22 1.68 -1.11 -7.26
N ARG A 23 2.48 -2.05 -7.74
CA ARG A 23 2.10 -2.90 -8.87
CA ARG A 23 2.09 -2.89 -8.87
C ARG A 23 1.15 -3.95 -8.35
N VAL A 24 -0.13 -3.84 -8.69
CA VAL A 24 -1.13 -4.77 -8.24
C VAL A 24 -1.34 -5.78 -9.34
N TYR A 25 -0.86 -6.99 -9.08
CA TYR A 25 -1.08 -8.14 -9.95
C TYR A 25 -2.46 -8.82 -9.64
N MET A 26 -3.02 -9.53 -10.61
CA MET A 26 -4.25 -10.32 -10.44
C MET A 26 -4.00 -11.82 -10.58
N GLY A 27 -2.78 -12.21 -10.98
CA GLY A 27 -2.39 -13.61 -11.10
C GLY A 27 -0.89 -13.73 -11.14
N ASP A 28 -0.41 -14.78 -11.80
CA ASP A 28 1.02 -15.08 -11.81
C ASP A 28 1.73 -14.52 -13.05
N SER A 29 1.04 -13.75 -13.91
CA SER A 29 1.69 -13.15 -15.09
C SER A 29 2.21 -11.75 -14.77
N ASP A 30 3.08 -11.23 -15.64
CA ASP A 30 3.68 -9.89 -15.46
CA ASP A 30 3.67 -9.90 -15.47
C ASP A 30 2.72 -8.86 -16.07
N VAL A 31 1.62 -8.68 -15.36
CA VAL A 31 0.50 -7.84 -15.78
C VAL A 31 0.01 -7.15 -14.51
N TYR A 32 -0.14 -5.84 -14.53
CA TYR A 32 -0.50 -5.14 -13.30
C TYR A 32 -1.16 -3.81 -13.58
N THR A 33 -1.94 -3.35 -12.60
CA THR A 33 -2.46 -1.99 -12.57
C THR A 33 -1.71 -1.25 -11.47
N VAL A 34 -1.10 -0.12 -11.83
CA VAL A 34 -0.36 0.68 -10.87
C VAL A 34 -1.30 1.48 -9.98
N HIS A 35 -1.12 1.36 -8.68
CA HIS A 35 -1.91 2.06 -7.67
C HIS A 35 -1.04 2.99 -6.84
N HIS A 36 -1.49 4.21 -6.63
CA HIS A 36 -0.70 5.23 -5.94
C HIS A 36 -1.23 5.40 -4.54
N VAL A 37 -0.41 5.01 -3.55
CA VAL A 37 -0.82 4.95 -2.16
C VAL A 37 0.07 5.85 -1.32
N VAL A 38 -0.56 6.72 -0.52
CA VAL A 38 0.15 7.59 0.39
C VAL A 38 0.76 6.74 1.49
N TRP A 39 2.08 6.87 1.69
CA TRP A 39 2.76 6.05 2.69
C TRP A 39 3.02 6.79 3.97
N SER A 40 3.16 8.12 3.92
CA SER A 40 3.48 8.89 5.10
C SER A 40 3.04 10.31 4.83
N VAL A 41 2.74 11.03 5.92
CA VAL A 41 2.41 12.44 5.86
C VAL A 41 3.24 13.14 6.93
N GLU A 42 3.88 14.25 6.58
CA GLU A 42 4.77 14.98 7.49
CA GLU A 42 4.77 15.00 7.46
C GLU A 42 3.99 15.84 8.48
N ASP A 43 4.44 15.83 9.72
CA ASP A 43 3.80 16.63 10.76
C ASP A 43 3.89 18.11 10.41
N GLY A 44 2.78 18.80 10.58
CA GLY A 44 2.70 20.24 10.36
C GLY A 44 2.70 20.66 8.91
N SER A 45 2.54 19.69 8.00
CA SER A 45 2.64 19.99 6.59
C SER A 45 1.28 20.38 6.04
N PRO A 46 1.28 20.96 4.84
CA PRO A 46 0.02 21.20 4.18
C PRO A 46 -0.83 19.94 4.00
N ALA A 47 -0.19 18.81 3.70
CA ALA A 47 -0.93 17.56 3.50
C ALA A 47 -1.58 17.10 4.81
N GLN A 48 -0.82 17.13 5.90
CA GLN A 48 -1.35 16.75 7.21
CA GLN A 48 -1.38 16.73 7.18
C GLN A 48 -2.54 17.63 7.58
N GLU A 49 -2.33 18.93 7.46
CA GLU A 49 -3.36 19.89 7.84
C GLU A 49 -4.67 19.67 7.08
N ALA A 50 -4.56 19.27 5.82
CA ALA A 50 -5.72 19.08 4.97
C ALA A 50 -6.43 17.75 5.21
N GLY A 51 -5.81 16.82 5.94
CA GLY A 51 -6.44 15.54 6.26
C GLY A 51 -6.04 14.37 5.39
N LEU A 52 -5.00 14.53 4.57
CA LEU A 52 -4.46 13.37 3.84
C LEU A 52 -3.86 12.42 4.87
N ARG A 53 -4.03 11.11 4.66
CA ARG A 53 -3.60 10.10 5.63
C ARG A 53 -2.79 9.00 4.95
N ALA A 54 -1.79 8.50 5.68
CA ALA A 54 -1.12 7.28 5.30
C ALA A 54 -2.15 6.20 5.06
N GLY A 55 -1.97 5.48 3.95
CA GLY A 55 -2.89 4.41 3.57
C GLY A 55 -3.90 4.83 2.52
N ASP A 56 -4.01 6.12 2.22
CA ASP A 56 -4.97 6.59 1.24
C ASP A 56 -4.52 6.20 -0.17
N LEU A 57 -5.44 5.62 -0.93
CA LEU A 57 -5.26 5.43 -2.37
C LEU A 57 -5.66 6.71 -3.07
N ILE A 58 -4.75 7.29 -3.84
CA ILE A 58 -5.08 8.49 -4.63
C ILE A 58 -5.66 8.01 -5.97
N THR A 59 -6.91 8.39 -6.23
CA THR A 59 -7.56 8.00 -7.47
C THR A 59 -7.55 9.12 -8.48
N HIS A 60 -7.53 10.37 -8.02
CA HIS A 60 -7.61 11.52 -8.92
C HIS A 60 -6.75 12.65 -8.40
N ILE A 61 -6.11 13.37 -9.33
CA ILE A 61 -5.33 14.55 -9.04
C ILE A 61 -5.89 15.68 -9.91
N ASN A 62 -6.40 16.73 -9.29
CA ASN A 62 -7.00 17.85 -10.01
C ASN A 62 -8.07 17.39 -10.99
N GLY A 63 -8.88 16.42 -10.57
CA GLY A 63 -9.99 15.90 -11.37
C GLY A 63 -9.65 14.81 -12.38
N GLU A 64 -8.35 14.58 -12.59
CA GLU A 64 -7.85 13.63 -13.58
C GLU A 64 -7.66 12.27 -12.90
N SER A 65 -8.22 11.22 -13.48
CA SER A 65 -7.93 9.86 -13.01
C SER A 65 -6.45 9.53 -13.13
N VAL A 66 -5.85 9.02 -12.07
CA VAL A 66 -4.45 8.61 -12.08
C VAL A 66 -4.24 7.13 -11.84
N LEU A 67 -5.31 6.39 -11.56
CA LEU A 67 -5.19 4.97 -11.41
CA LEU A 67 -5.18 4.95 -11.43
C LEU A 67 -4.59 4.36 -12.69
N GLY A 68 -3.58 3.52 -12.54
CA GLY A 68 -2.94 2.87 -13.66
C GLY A 68 -1.78 3.62 -14.31
N LEU A 69 -1.61 4.90 -14.00
CA LEU A 69 -0.43 5.62 -14.46
C LEU A 69 0.81 5.15 -13.72
N VAL A 70 1.95 5.16 -14.40
CA VAL A 70 3.20 4.77 -13.73
C VAL A 70 3.65 5.81 -12.72
N HIS A 71 4.50 5.39 -11.80
CA HIS A 71 4.91 6.23 -10.67
C HIS A 71 5.37 7.59 -11.09
N MET A 72 6.29 7.67 -12.05
CA MET A 72 6.89 8.96 -12.35
C MET A 72 5.92 9.89 -13.10
N ASP A 73 4.90 9.33 -13.76
CA ASP A 73 3.86 10.18 -14.35
C ASP A 73 3.05 10.90 -13.26
N VAL A 74 2.77 10.18 -12.17
CA VAL A 74 2.07 10.77 -11.05
C VAL A 74 2.98 11.76 -10.30
N VAL A 75 4.24 11.41 -10.09
CA VAL A 75 5.19 12.34 -9.47
C VAL A 75 5.22 13.64 -10.29
N GLU A 76 5.25 13.53 -11.61
CA GLU A 76 5.29 14.73 -12.43
C GLU A 76 4.03 15.59 -12.22
N LEU A 77 2.85 14.97 -12.19
CA LEU A 77 1.62 15.72 -11.96
C LEU A 77 1.67 16.48 -10.65
N LEU A 78 2.23 15.85 -9.63
CA LEU A 78 2.38 16.50 -8.33
C LEU A 78 3.41 17.63 -8.38
N LEU A 79 4.56 17.38 -8.97
CA LEU A 79 5.59 18.40 -9.10
C LEU A 79 5.14 19.66 -9.84
N LYS A 80 4.29 19.49 -10.86
CA LYS A 80 3.85 20.61 -11.72
C LYS A 80 2.58 21.30 -11.26
N SER A 81 1.92 20.74 -10.25
CA SER A 81 0.77 21.42 -9.63
CA SER A 81 0.76 21.42 -9.65
C SER A 81 1.21 22.68 -8.88
N GLY A 82 0.28 23.58 -8.62
CA GLY A 82 0.62 24.80 -7.91
C GLY A 82 0.56 24.66 -6.41
N ASN A 83 0.40 25.79 -5.75
CA ASN A 83 0.23 25.83 -4.32
C ASN A 83 -1.00 25.05 -3.86
N LYS A 84 -2.03 24.98 -4.70
CA LYS A 84 -3.25 24.22 -4.42
C LYS A 84 -3.32 22.94 -5.26
N ILE A 85 -3.75 21.83 -4.65
CA ILE A 85 -3.97 20.56 -5.37
C ILE A 85 -5.22 19.91 -4.78
N SER A 86 -6.00 19.25 -5.63
CA SER A 86 -7.20 18.53 -5.21
CA SER A 86 -7.20 18.50 -5.20
C SER A 86 -6.94 17.03 -5.41
N LEU A 87 -7.06 16.26 -4.33
CA LEU A 87 -6.83 14.83 -4.39
C LEU A 87 -8.11 14.10 -4.01
N ARG A 88 -8.57 13.18 -4.86
CA ARG A 88 -9.59 12.23 -4.47
C ARG A 88 -8.89 10.99 -3.96
N THR A 89 -9.32 10.52 -2.80
CA THR A 89 -8.70 9.38 -2.14
C THR A 89 -9.72 8.41 -1.57
N THR A 90 -9.28 7.19 -1.34
CA THR A 90 -10.09 6.17 -0.70
C THR A 90 -9.20 5.32 0.22
N ALA A 91 -9.71 4.97 1.39
CA ALA A 91 -8.97 4.15 2.36
C ALA A 91 -9.91 3.11 2.94
N LEU A 92 -9.37 1.93 3.23
CA LEU A 92 -10.04 0.93 4.05
C LEU A 92 -9.66 1.19 5.50
N GLU A 93 -8.91 0.32 6.13
CA GLU A 93 -8.66 0.47 7.56
CA GLU A 93 -8.62 0.43 7.53
C GLU A 93 -7.81 1.69 7.82
N ASN A 94 -8.11 2.35 8.92
CA ASN A 94 -7.41 3.56 9.27
C ASN A 94 -6.07 3.31 9.95
N THR A 95 -5.70 2.04 10.09
CA THR A 95 -4.37 1.67 10.59
C THR A 95 -3.89 0.34 9.99
N GLU A 96 -2.57 0.18 9.99
CA GLU A 96 -1.94 -1.12 9.76
C GLU A 96 -2.01 -2.01 11.01
N THR A 97 -1.76 -3.29 10.82
CA THR A 97 -1.69 -4.26 11.91
C THR A 97 -0.29 -4.84 11.98
N SER A 98 0.29 -4.78 13.16
CA SER A 98 1.62 -5.33 13.38
CA SER A 98 1.61 -5.32 13.47
C SER A 98 1.52 -6.81 13.77
N VAL A 99 2.34 -7.63 13.13
CA VAL A 99 2.34 -9.07 13.35
C VAL A 99 3.76 -9.58 13.54
N ARG B 3 6.80 -15.86 -7.34
CA ARG B 3 8.02 -16.46 -6.74
C ARG B 3 7.71 -17.49 -5.69
N PRO B 4 8.72 -18.26 -5.28
CA PRO B 4 8.50 -19.24 -4.23
CA PRO B 4 8.43 -19.23 -4.25
C PRO B 4 8.09 -18.69 -2.83
N PRO B 5 7.28 -19.45 -2.10
CA PRO B 5 7.00 -19.13 -0.71
C PRO B 5 8.26 -19.24 0.16
N ILE B 6 8.27 -18.45 1.21
CA ILE B 6 9.31 -18.51 2.22
C ILE B 6 8.63 -18.77 3.56
N VAL B 7 9.32 -19.51 4.43
CA VAL B 7 8.84 -19.83 5.77
C VAL B 7 9.53 -18.91 6.77
N ILE B 8 8.72 -18.28 7.63
CA ILE B 8 9.19 -17.33 8.62
C ILE B 8 8.66 -17.76 9.97
N HIS B 9 9.56 -17.99 10.92
CA HIS B 9 9.19 -18.23 12.32
C HIS B 9 9.20 -16.91 13.07
N SER B 10 8.19 -16.69 13.91
CA SER B 10 8.15 -15.45 14.70
C SER B 10 9.23 -15.47 15.76
N SER B 11 9.61 -14.27 16.22
CA SER B 11 10.56 -14.11 17.33
C SER B 11 9.82 -13.33 18.43
N GLY B 12 9.68 -13.93 19.61
CA GLY B 12 8.91 -13.31 20.67
C GLY B 12 7.49 -12.97 20.24
N LYS B 13 6.88 -13.89 19.50
CA LYS B 13 5.50 -13.80 19.02
C LYS B 13 5.28 -12.77 17.93
N LYS B 14 6.34 -12.20 17.39
CA LYS B 14 6.19 -11.28 16.28
C LYS B 14 7.08 -11.62 15.11
N TYR B 15 6.51 -11.56 13.92
CA TYR B 15 7.30 -11.70 12.70
C TYR B 15 8.10 -10.44 12.43
N GLY B 16 7.60 -9.31 12.92
CA GLY B 16 8.31 -8.05 12.76
C GLY B 16 7.95 -7.24 11.53
N PHE B 17 6.72 -7.36 11.04
CA PHE B 17 6.23 -6.50 9.99
C PHE B 17 4.80 -6.14 10.27
N SER B 18 4.36 -5.09 9.62
CA SER B 18 2.95 -4.75 9.63
CA SER B 18 2.95 -4.69 9.63
C SER B 18 2.38 -4.85 8.24
N LEU B 19 1.07 -5.11 8.17
CA LEU B 19 0.38 -5.18 6.90
C LEU B 19 -0.88 -4.35 6.94
N ARG B 20 -1.31 -3.90 5.76
CA ARG B 20 -2.41 -2.96 5.61
CA ARG B 20 -2.48 -3.02 5.66
C ARG B 20 -3.29 -3.39 4.43
N ALA B 21 -4.60 -3.33 4.58
CA ALA B 21 -5.52 -3.47 3.48
C ALA B 21 -5.61 -2.18 2.66
N ILE B 22 -5.63 -2.34 1.34
CA ILE B 22 -5.83 -1.23 0.43
C ILE B 22 -6.91 -1.60 -0.58
N ARG B 23 -7.62 -0.59 -1.06
CA ARG B 23 -8.54 -0.77 -2.17
CA ARG B 23 -8.55 -0.72 -2.20
C ARG B 23 -7.75 -0.95 -3.47
N VAL B 24 -8.13 -1.93 -4.25
CA VAL B 24 -7.51 -2.15 -5.55
C VAL B 24 -8.54 -2.37 -6.63
N TYR B 25 -8.19 -1.90 -7.83
CA TYR B 25 -8.96 -2.12 -9.05
C TYR B 25 -8.47 -3.35 -9.77
N MET B 26 -9.39 -4.24 -10.12
CA MET B 26 -9.14 -5.43 -10.93
C MET B 26 -9.65 -5.20 -12.34
N GLY B 27 -8.72 -5.17 -13.30
CA GLY B 27 -9.05 -4.90 -14.70
C GLY B 27 -9.82 -5.98 -15.41
N ASP B 28 -9.66 -7.21 -14.96
CA ASP B 28 -10.36 -8.33 -15.59
C ASP B 28 -11.83 -8.34 -15.23
N SER B 29 -12.15 -8.18 -13.95
CA SER B 29 -13.55 -8.18 -13.47
C SER B 29 -14.18 -6.80 -13.46
N ASP B 30 -13.36 -5.76 -13.62
CA ASP B 30 -13.83 -4.37 -13.64
C ASP B 30 -14.53 -4.00 -12.33
N VAL B 31 -13.90 -4.36 -11.22
CA VAL B 31 -14.39 -3.97 -9.90
C VAL B 31 -13.26 -3.49 -8.99
N TYR B 32 -13.63 -2.78 -7.94
CA TYR B 32 -12.74 -2.47 -6.82
CA TYR B 32 -12.73 -2.50 -6.86
C TYR B 32 -12.95 -3.53 -5.75
N THR B 33 -11.86 -4.08 -5.25
CA THR B 33 -11.84 -5.07 -4.20
C THR B 33 -10.77 -4.65 -3.18
N VAL B 34 -10.26 -5.62 -2.45
CA VAL B 34 -9.28 -5.35 -1.39
C VAL B 34 -8.04 -6.21 -1.66
N HIS B 35 -6.86 -5.68 -1.32
CA HIS B 35 -5.64 -6.46 -1.30
C HIS B 35 -4.80 -5.99 -0.12
N HIS B 36 -3.68 -6.67 0.13
CA HIS B 36 -2.82 -6.31 1.23
C HIS B 36 -1.38 -6.06 0.81
N VAL B 37 -0.78 -5.09 1.48
CA VAL B 37 0.62 -4.74 1.32
C VAL B 37 1.35 -4.85 2.65
N VAL B 38 2.65 -5.12 2.56
CA VAL B 38 3.57 -4.94 3.66
C VAL B 38 3.67 -3.43 3.89
N TRP B 39 3.31 -2.98 5.09
CA TRP B 39 3.29 -1.57 5.39
C TRP B 39 4.64 -1.08 5.92
N SER B 40 5.24 -1.86 6.79
CA SER B 40 6.52 -1.54 7.41
C SER B 40 7.16 -2.84 7.85
N VAL B 41 8.47 -2.80 8.01
CA VAL B 41 9.27 -3.94 8.43
C VAL B 41 10.29 -3.49 9.47
N GLU B 42 10.35 -4.18 10.60
CA GLU B 42 11.25 -3.82 11.67
C GLU B 42 12.65 -4.29 11.38
N ASP B 43 13.62 -3.39 11.54
CA ASP B 43 15.00 -3.80 11.41
C ASP B 43 15.32 -4.91 12.37
N GLY B 44 16.10 -5.85 11.90
CA GLY B 44 16.54 -6.97 12.72
C GLY B 44 15.57 -8.13 12.83
N SER B 45 14.39 -8.02 12.24
CA SER B 45 13.34 -9.00 12.43
C SER B 45 13.49 -10.19 11.49
N PRO B 46 12.76 -11.27 11.79
CA PRO B 46 12.67 -12.35 10.81
C PRO B 46 12.11 -11.87 9.45
N ALA B 47 11.12 -11.00 9.48
CA ALA B 47 10.56 -10.42 8.27
C ALA B 47 11.61 -9.73 7.41
N GLN B 48 12.48 -8.94 8.03
CA GLN B 48 13.52 -8.29 7.29
C GLN B 48 14.46 -9.30 6.67
N GLU B 49 14.84 -10.32 7.44
CA GLU B 49 15.74 -11.36 6.93
CA GLU B 49 15.75 -11.32 6.91
C GLU B 49 15.15 -12.08 5.72
N ALA B 50 13.84 -12.28 5.74
CA ALA B 50 13.16 -12.95 4.65
C ALA B 50 13.12 -12.13 3.38
N GLY B 51 13.42 -10.84 3.45
CA GLY B 51 13.39 -9.95 2.31
C GLY B 51 12.14 -9.11 2.18
N LEU B 52 11.29 -9.09 3.21
CA LEU B 52 10.11 -8.23 3.14
C LEU B 52 10.51 -6.77 3.23
N ARG B 53 9.84 -5.94 2.42
CA ARG B 53 10.06 -4.51 2.39
C ARG B 53 8.74 -3.79 2.36
N ALA B 54 8.71 -2.62 2.95
CA ALA B 54 7.57 -1.73 2.81
C ALA B 54 7.19 -1.58 1.34
N GLY B 55 5.90 -1.75 1.06
CA GLY B 55 5.36 -1.66 -0.28
C GLY B 55 5.12 -2.99 -0.97
N ASP B 56 5.65 -4.08 -0.44
CA ASP B 56 5.50 -5.37 -1.12
C ASP B 56 4.04 -5.78 -1.12
N LEU B 57 3.57 -6.32 -2.24
CA LEU B 57 2.26 -6.90 -2.32
C LEU B 57 2.30 -8.31 -1.75
N ILE B 58 1.35 -8.64 -0.87
CA ILE B 58 1.31 -9.95 -0.23
C ILE B 58 0.30 -10.80 -0.98
N THR B 59 0.79 -11.68 -1.84
CA THR B 59 -0.11 -12.44 -2.71
C THR B 59 -0.69 -13.69 -2.05
N HIS B 60 0.06 -14.32 -1.16
CA HIS B 60 -0.36 -15.56 -0.50
C HIS B 60 0.18 -15.59 0.92
N ILE B 61 -0.63 -16.13 1.83
CA ILE B 61 -0.20 -16.42 3.20
C ILE B 61 -0.68 -17.82 3.50
N ASN B 62 0.21 -18.66 4.00
CA ASN B 62 -0.15 -20.01 4.42
C ASN B 62 -0.86 -20.77 3.32
N GLY B 63 -0.39 -20.57 2.10
CA GLY B 63 -0.91 -21.29 0.96
C GLY B 63 -2.17 -20.75 0.33
N GLU B 64 -2.73 -19.68 0.87
CA GLU B 64 -4.02 -19.16 0.42
C GLU B 64 -3.84 -17.80 -0.21
N SER B 65 -4.58 -17.56 -1.29
CA SER B 65 -4.55 -16.29 -1.99
CA SER B 65 -4.47 -16.27 -1.96
CA SER B 65 -4.54 -16.28 -1.99
C SER B 65 -5.15 -15.16 -1.14
N VAL B 66 -4.48 -14.02 -1.10
CA VAL B 66 -4.88 -12.89 -0.29
C VAL B 66 -5.83 -11.93 -1.00
N LEU B 67 -5.74 -11.83 -2.33
CA LEU B 67 -6.59 -10.93 -3.09
C LEU B 67 -8.06 -11.15 -2.71
N GLY B 68 -8.75 -10.08 -2.34
CA GLY B 68 -10.17 -10.14 -2.03
C GLY B 68 -10.53 -10.37 -0.58
N LEU B 69 -9.56 -10.75 0.25
CA LEU B 69 -9.82 -11.02 1.67
C LEU B 69 -9.84 -9.73 2.47
N VAL B 70 -10.90 -9.53 3.24
CA VAL B 70 -10.94 -8.39 4.14
C VAL B 70 -9.89 -8.54 5.23
N HIS B 71 -9.57 -7.44 5.89
CA HIS B 71 -8.43 -7.43 6.77
C HIS B 71 -8.51 -8.47 7.90
N MET B 72 -9.65 -8.61 8.57
CA MET B 72 -9.73 -9.58 9.65
C MET B 72 -9.53 -11.01 9.12
N ASP B 73 -10.02 -11.30 7.92
CA ASP B 73 -9.78 -12.61 7.32
C ASP B 73 -8.30 -12.86 7.06
N VAL B 74 -7.57 -11.83 6.63
CA VAL B 74 -6.14 -11.97 6.44
C VAL B 74 -5.42 -12.19 7.76
N VAL B 75 -5.79 -11.45 8.79
CA VAL B 75 -5.15 -11.64 10.09
C VAL B 75 -5.42 -13.05 10.61
N GLU B 76 -6.65 -13.55 10.51
CA GLU B 76 -6.94 -14.91 10.96
CA GLU B 76 -6.94 -14.92 10.94
C GLU B 76 -6.16 -15.95 10.12
N LEU B 77 -6.03 -15.72 8.82
CA LEU B 77 -5.28 -16.61 7.95
C LEU B 77 -3.83 -16.68 8.39
N LEU B 78 -3.24 -15.53 8.69
CA LEU B 78 -1.87 -15.46 9.15
C LEU B 78 -1.67 -16.16 10.49
N LEU B 79 -2.61 -15.96 11.40
CA LEU B 79 -2.45 -16.45 12.77
C LEU B 79 -2.73 -17.94 12.86
N LYS B 80 -3.46 -18.52 11.91
CA LYS B 80 -3.98 -19.86 12.13
C LYS B 80 -2.91 -20.91 12.11
N SER B 81 -1.73 -20.61 11.54
CA SER B 81 -0.61 -21.53 11.49
C SER B 81 0.27 -21.55 12.72
N GLY B 82 -0.05 -20.78 13.74
CA GLY B 82 0.74 -20.87 14.98
C GLY B 82 1.85 -19.86 14.98
N ASN B 83 3.08 -20.30 15.19
CA ASN B 83 4.25 -19.40 15.33
C ASN B 83 5.19 -19.44 14.14
N LYS B 84 4.71 -19.95 13.01
CA LYS B 84 5.37 -19.79 11.73
C LYS B 84 4.33 -19.58 10.67
N ILE B 85 4.75 -18.94 9.59
CA ILE B 85 3.92 -18.74 8.40
C ILE B 85 4.72 -19.09 7.17
N SER B 86 4.02 -19.34 6.09
CA SER B 86 4.60 -19.20 4.76
C SER B 86 3.97 -17.98 4.13
N LEU B 87 4.72 -17.32 3.27
CA LEU B 87 4.13 -16.25 2.52
C LEU B 87 4.81 -16.05 1.18
N ARG B 88 4.06 -15.48 0.26
CA ARG B 88 4.53 -15.07 -1.04
C ARG B 88 4.25 -13.58 -1.18
N THR B 89 5.29 -12.87 -1.57
CA THR B 89 5.24 -11.44 -1.79
C THR B 89 5.90 -11.13 -3.11
N THR B 90 5.53 -10.00 -3.70
CA THR B 90 6.21 -9.52 -4.87
C THR B 90 7.68 -9.15 -4.52
N ALA B 91 8.53 -9.31 -5.53
CA ALA B 91 9.97 -9.17 -5.40
C ALA B 91 10.50 -7.79 -5.79
N LEU B 92 9.93 -7.18 -6.83
CA LEU B 92 10.40 -5.87 -7.28
C LEU B 92 9.89 -4.83 -6.31
N GLU B 93 10.81 -4.13 -5.68
CA GLU B 93 10.42 -3.12 -4.72
C GLU B 93 9.54 -2.01 -5.32
N ASN B 94 8.50 -1.64 -4.59
CA ASN B 94 7.65 -0.49 -4.92
C ASN B 94 8.20 0.64 -4.05
N THR B 95 9.03 1.48 -4.62
CA THR B 95 9.77 2.46 -3.84
C THR B 95 8.93 3.72 -3.61
N GLU B 96 9.42 4.53 -2.70
CA GLU B 96 8.71 5.69 -2.18
C GLU B 96 9.29 7.00 -2.73
N THR B 97 8.44 8.00 -2.98
CA THR B 97 8.90 9.36 -3.33
C THR B 97 8.19 10.37 -2.44
N SER B 98 8.93 11.34 -1.92
CA SER B 98 8.39 12.47 -1.17
C SER B 98 8.05 13.62 -2.08
N VAL B 99 6.88 14.22 -1.86
CA VAL B 99 6.39 15.33 -2.66
C VAL B 99 5.78 16.43 -1.78
C1 EDO C . 5.40 -24.09 6.84
O1 EDO C . 5.64 -25.09 7.84
C2 EDO C . 4.89 -22.82 7.52
O2 EDO C . 3.71 -23.10 8.27
C1 EDO D . 3.11 -15.48 15.94
O1 EDO D . 3.94 -16.11 16.91
C2 EDO D . 1.70 -15.37 16.49
O2 EDO D . 1.67 -14.34 17.48
CL CL E . 2.20 -19.11 1.02
#